data_5M1W
#
_entry.id   5M1W
#
_entity_poly.entity_id   1
_entity_poly.type   'polydeoxyribonucleotide'
_entity_poly.pdbx_seq_one_letter_code
;(DG)(DT)(DG)(DT)(DG)(DG)(DG)(DT)(DG)(DT)(DG)
;
_entity_poly.pdbx_strand_id   A
#
loop_
_chem_comp.id
_chem_comp.type
_chem_comp.name
_chem_comp.formula
DG DNA linking 2'-DEOXYGUANOSINE-5'-MONOPHOSPHATE 'C10 H14 N5 O7 P'
DT DNA linking THYMIDINE-5'-MONOPHOSPHATE 'C10 H15 N2 O8 P'
#